data_8VAD
#
_entry.id   8VAD
#
_cell.length_a   16.310
_cell.length_b   21.227
_cell.length_c   70.096
_cell.angle_alpha   89.990
_cell.angle_beta   89.980
_cell.angle_gamma   67.420
#
_symmetry.space_group_name_H-M   'P 1'
#
loop_
_entity.id
_entity.type
_entity.pdbx_description
1 polymer 'Trypsin inhibitor 2'
2 non-polymer 'SULFATE ION'
3 water water
#
_entity_poly.entity_id   1
_entity_poly.type   'polypeptide(L)'
_entity_poly.pdbx_seq_one_letter_code
;SGPNGGVCPV(NLE)IYLCRRDSDCPGECICLGNGYCG
;
_entity_poly.pdbx_strand_id   B,A,C,D
#
loop_
_chem_comp.id
_chem_comp.type
_chem_comp.name
_chem_comp.formula
SO4 non-polymer 'SULFATE ION' 'O4 S -2'
#
# COMPACT_ATOMS: atom_id res chain seq x y z
N SER A 1 22.38 9.53 6.80
CA SER A 1 21.59 8.37 6.49
C SER A 1 20.16 8.73 6.82
N GLY A 2 19.24 8.23 6.01
CA GLY A 2 17.85 8.41 6.24
C GLY A 2 17.19 7.06 6.42
N PRO A 3 15.86 7.05 6.65
CA PRO A 3 15.14 5.79 6.85
C PRO A 3 14.85 5.01 5.57
N ASN A 4 15.88 4.82 4.76
CA ASN A 4 15.74 4.06 3.52
C ASN A 4 16.84 3.02 3.40
N GLY A 5 16.71 2.19 2.36
CA GLY A 5 17.74 1.27 2.01
C GLY A 5 18.89 1.99 1.34
N GLY A 6 19.51 1.37 0.37
CA GLY A 6 20.51 2.09 -0.38
C GLY A 6 21.76 2.41 0.43
N VAL A 7 22.60 3.22 -0.20
CA VAL A 7 23.94 3.52 0.28
C VAL A 7 24.09 5.00 0.53
N CYS A 8 24.69 5.33 1.66
CA CYS A 8 25.00 6.71 2.04
C CYS A 8 26.38 6.70 2.69
N PRO A 9 27.40 7.24 2.04
CA PRO A 9 28.73 7.26 2.67
C PRO A 9 28.72 8.07 3.95
N VAL A 10 29.55 7.66 4.89
CA VAL A 10 29.70 8.36 6.16
C VAL A 10 30.70 9.48 6.01
N NLE A 11 30.20 10.71 5.90
CA NLE A 11 31.10 11.83 5.66
C NLE A 11 30.41 13.16 6.05
O NLE A 11 29.20 13.18 6.29
CB NLE A 11 31.49 11.93 4.19
CG NLE A 11 30.29 12.17 3.27
CD NLE A 11 30.65 12.28 1.80
CE NLE A 11 31.38 11.06 1.29
H NLE A 11 29.37 10.92 5.97
HA NLE A 11 31.89 11.71 6.20
HB2 NLE A 11 31.89 11.09 3.93
HB3 NLE A 11 32.11 12.66 4.07
HG2 NLE A 11 29.87 13.02 3.52
HG3 NLE A 11 29.66 11.44 3.37
HD2 NLE A 11 31.23 13.04 1.66
HD3 NLE A 11 29.84 12.38 1.28
HE1 NLE A 11 31.55 11.17 0.34
HE2 NLE A 11 30.83 10.28 1.44
HE3 NLE A 11 32.22 10.96 1.78
N ILE A 12 31.17 14.24 6.08
CA ILE A 12 30.64 15.59 6.24
C ILE A 12 30.44 16.21 4.85
N TYR A 13 29.19 16.53 4.50
CA TYR A 13 28.83 16.97 3.15
C TYR A 13 27.69 17.95 3.33
N LEU A 14 27.89 19.19 2.86
CA LEU A 14 26.87 20.22 3.00
C LEU A 14 25.78 20.02 1.95
N CYS A 15 24.56 20.41 2.32
CA CYS A 15 23.43 20.23 1.42
C CYS A 15 22.34 21.23 1.74
N ARG A 16 21.48 21.46 0.74
CA ARG A 16 20.32 22.33 0.88
C ARG A 16 19.00 21.60 0.70
N ARG A 17 19.05 20.32 0.32
CA ARG A 17 17.91 19.47 0.01
C ARG A 17 18.49 18.09 -0.23
N ASP A 18 17.63 17.07 -0.20
CA ASP A 18 18.08 15.69 -0.34
C ASP A 18 18.88 15.48 -1.62
N SER A 19 18.43 16.09 -2.72
CA SER A 19 19.05 15.80 -4.01
C SER A 19 20.49 16.30 -4.11
N ASP A 20 20.91 17.18 -3.21
CA ASP A 20 22.31 17.60 -3.19
C ASP A 20 23.23 16.49 -2.69
N CYS A 21 22.71 15.57 -1.91
CA CYS A 21 23.54 14.57 -1.26
C CYS A 21 23.76 13.37 -2.17
N PRO A 22 24.93 12.74 -2.08
CA PRO A 22 25.17 11.54 -2.90
C PRO A 22 24.31 10.37 -2.45
N GLY A 23 24.24 9.37 -3.33
CA GLY A 23 23.54 8.14 -3.00
C GLY A 23 22.13 8.40 -2.56
N GLU A 24 21.69 7.63 -1.56
CA GLU A 24 20.38 7.77 -0.97
C GLU A 24 20.43 8.49 0.36
N CYS A 25 21.48 9.28 0.59
CA CYS A 25 21.50 10.11 1.79
C CYS A 25 20.38 11.13 1.73
N ILE A 26 19.92 11.55 2.91
CA ILE A 26 19.01 12.67 3.03
C ILE A 26 19.77 13.89 3.56
N CYS A 27 19.15 15.07 3.40
CA CYS A 27 19.70 16.28 3.97
C CYS A 27 18.97 16.60 5.27
N LEU A 28 19.72 16.58 6.36
CA LEU A 28 19.16 16.93 7.66
C LEU A 28 18.73 18.40 7.67
N GLY A 29 17.91 18.76 8.66
CA GLY A 29 17.29 20.07 8.72
C GLY A 29 18.27 21.23 8.87
N ASN A 30 19.53 20.94 9.20
CA ASN A 30 20.56 21.97 9.37
C ASN A 30 21.58 21.97 8.23
N GLY A 31 21.31 21.26 7.13
CA GLY A 31 22.15 21.37 5.95
C GLY A 31 23.32 20.42 5.87
N TYR A 32 23.23 19.25 6.50
CA TYR A 32 24.25 18.23 6.38
C TYR A 32 23.63 16.93 5.93
N CYS A 33 24.35 16.19 5.10
CA CYS A 33 23.87 14.89 4.66
C CYS A 33 23.96 13.86 5.76
N GLY A 34 23.00 12.94 5.76
CA GLY A 34 23.01 11.85 6.70
C GLY A 34 22.26 10.68 6.13
N SER B 1 5.23 8.49 10.79
CA SER B 1 6.18 9.59 10.74
C SER B 1 7.27 9.35 11.78
N GLY B 2 8.51 9.78 11.46
CA GLY B 2 9.61 9.72 12.37
C GLY B 2 10.13 11.11 12.67
N PRO B 3 11.12 11.22 13.54
CA PRO B 3 11.68 12.51 13.92
C PRO B 3 12.59 13.13 12.89
N ASN B 4 12.09 13.19 11.63
CA ASN B 4 12.85 13.71 10.51
C ASN B 4 12.07 14.71 9.68
N GLY B 5 12.75 15.33 8.73
CA GLY B 5 12.09 16.18 7.77
C GLY B 5 11.42 15.32 6.73
N GLY B 6 11.36 15.83 5.53
CA GLY B 6 10.83 15.02 4.46
C GLY B 6 9.34 14.78 4.60
N VAL B 7 8.85 13.89 3.76
CA VAL B 7 7.43 13.65 3.59
C VAL B 7 7.13 12.19 3.92
N CYS B 8 6.07 11.98 4.69
CA CYS B 8 5.61 10.65 5.05
C CYS B 8 4.10 10.62 4.93
N PRO B 9 3.55 9.88 3.97
CA PRO B 9 2.10 9.85 3.84
C PRO B 9 1.43 9.30 5.10
N VAL B 10 0.25 9.82 5.42
CA VAL B 10 -0.54 9.30 6.52
C VAL B 10 -1.27 8.10 5.98
N NLE B 11 -1.04 6.91 6.52
CA NLE B 11 -1.60 5.69 5.93
C NLE B 11 -1.50 4.49 6.85
O NLE B 11 -0.80 4.53 7.87
CB NLE B 11 -0.84 5.35 4.63
CG NLE B 11 0.66 5.07 4.85
CD NLE B 11 1.39 4.78 3.56
CE NLE B 11 2.88 4.61 3.80
H NLE B 11 -0.57 6.78 7.22
HA NLE B 11 -2.53 5.85 5.74
HB2 NLE B 11 -0.91 6.09 4.02
HB3 NLE B 11 -1.22 4.55 4.24
HG2 NLE B 11 0.75 4.31 5.44
HG3 NLE B 11 1.06 5.86 5.26
HD2 NLE B 11 1.26 5.52 2.95
HD3 NLE B 11 1.06 3.96 3.18
HE1 NLE B 11 3.24 4.03 3.12
HE2 NLE B 11 3.03 4.23 4.67
HE3 NLE B 11 3.31 5.48 3.74
N ILE B 12 -2.23 3.42 6.52
CA ILE B 12 -2.08 2.11 7.15
C ILE B 12 -1.22 1.28 6.19
N TYR B 13 0.01 0.97 6.58
CA TYR B 13 0.93 0.32 5.66
C TYR B 13 1.89 -0.52 6.47
N LEU B 14 1.96 -1.82 6.16
CA LEU B 14 2.81 -2.75 6.91
C LEU B 14 4.26 -2.67 6.43
N CYS B 15 5.18 -2.95 7.36
CA CYS B 15 6.62 -2.86 7.12
C CYS B 15 7.37 -3.79 8.07
N ARG B 16 8.60 -4.13 7.69
CA ARG B 16 9.49 -4.92 8.52
C ARG B 16 10.73 -4.13 8.91
N ARG B 17 10.89 -2.93 8.35
CA ARG B 17 12.05 -2.09 8.53
C ARG B 17 11.75 -0.78 7.83
N ASP B 18 12.54 0.24 8.15
CA ASP B 18 12.27 1.57 7.62
C ASP B 18 12.19 1.57 6.09
N SER B 19 13.06 0.81 5.43
CA SER B 19 13.18 0.92 3.98
C SER B 19 11.93 0.41 3.26
N ASP B 20 11.08 -0.37 3.95
CA ASP B 20 9.81 -0.83 3.38
C ASP B 20 8.80 0.29 3.25
N CYS B 21 8.95 1.36 4.03
CA CYS B 21 7.96 2.42 4.01
C CYS B 21 8.30 3.45 2.95
N PRO B 22 7.29 4.00 2.28
N PRO B 22 7.28 3.97 2.26
CA PRO B 22 7.56 5.05 1.29
CA PRO B 22 7.55 5.05 1.28
C PRO B 22 8.01 6.34 1.96
C PRO B 22 8.01 6.33 1.96
N GLY B 23 8.56 7.22 1.12
CA GLY B 23 9.01 8.50 1.61
C GLY B 23 10.04 8.37 2.72
N GLU B 24 9.92 9.27 3.70
CA GLU B 24 10.79 9.29 4.87
C GLU B 24 10.09 8.73 6.09
N CYS B 25 9.04 7.95 5.89
CA CYS B 25 8.41 7.28 7.02
C CYS B 25 9.39 6.29 7.65
N ILE B 26 9.23 6.06 8.95
CA ILE B 26 9.93 5.00 9.63
C ILE B 26 8.96 3.84 9.85
N CYS B 27 9.50 2.67 10.19
CA CYS B 27 8.71 1.51 10.57
C CYS B 27 8.64 1.43 12.09
N LEU B 28 7.44 1.54 12.65
CA LEU B 28 7.24 1.41 14.08
C LEU B 28 7.55 -0.01 14.51
N GLY B 29 7.75 -0.18 15.82
CA GLY B 29 8.23 -1.42 16.40
C GLY B 29 7.31 -2.60 16.23
N ASN B 30 6.06 -2.36 15.86
CA ASN B 30 5.07 -3.40 15.61
C ASN B 30 4.78 -3.60 14.14
N GLY B 31 5.55 -2.99 13.24
CA GLY B 31 5.39 -3.29 11.84
C GLY B 31 4.40 -2.45 11.08
N TYR B 32 4.21 -1.18 11.46
CA TYR B 32 3.42 -0.23 10.70
C TYR B 32 4.22 1.02 10.42
N CYS B 33 4.03 1.59 9.23
CA CYS B 33 4.73 2.82 8.87
C CYS B 33 4.14 4.00 9.62
N GLY B 34 5.00 4.94 9.98
CA GLY B 34 4.59 6.16 10.65
C GLY B 34 5.61 7.27 10.44
N SER C 1 -8.26 -5.03 -3.42
CA SER C 1 -9.62 -4.57 -3.64
C SER C 1 -10.32 -5.61 -4.50
N GLY C 2 -11.59 -5.83 -4.22
CA GLY C 2 -12.39 -6.72 -5.02
C GLY C 2 -13.56 -5.93 -5.58
N PRO C 3 -14.42 -6.60 -6.36
CA PRO C 3 -15.57 -5.92 -6.97
C PRO C 3 -16.74 -5.66 -6.02
N ASN C 4 -16.45 -5.08 -4.86
CA ASN C 4 -17.50 -4.76 -3.92
C ASN C 4 -17.31 -3.31 -3.47
N GLY C 5 -18.27 -2.83 -2.70
CA GLY C 5 -18.13 -1.54 -2.08
C GLY C 5 -17.16 -1.61 -0.92
N GLY C 6 -17.44 -0.86 0.11
CA GLY C 6 -16.63 -0.96 1.29
C GLY C 6 -15.22 -0.41 1.13
N VAL C 7 -14.42 -0.67 2.17
CA VAL C 7 -13.10 -0.08 2.32
C VAL C 7 -12.06 -1.19 2.33
N CYS C 8 -10.98 -0.98 1.60
CA CYS C 8 -9.86 -1.90 1.56
C CYS C 8 -8.58 -1.06 1.52
N PRO C 9 -7.79 -1.05 2.59
CA PRO C 9 -6.57 -0.25 2.56
C PRO C 9 -5.60 -0.76 1.48
N VAL C 10 -4.85 0.17 0.91
CA VAL C 10 -3.82 -0.16 -0.08
C VAL C 10 -2.54 -0.54 0.64
N NLE C 11 -2.22 -1.82 0.67
CA NLE C 11 -1.09 -2.31 1.45
C NLE C 11 -0.77 -3.75 1.06
O NLE C 11 -1.60 -4.41 0.43
CB NLE C 11 -1.42 -2.17 2.93
CG NLE C 11 -2.66 -2.92 3.37
CD NLE C 11 -2.90 -2.62 4.84
CE NLE C 11 -3.78 -3.65 5.47
H NLE C 11 -2.63 -2.43 0.23
HA NLE C 11 -0.29 -1.78 1.30
HB2 NLE C 11 -1.56 -1.23 3.14
HB3 NLE C 11 -0.67 -2.52 3.45
HG2 NLE C 11 -2.53 -3.87 3.26
HG3 NLE C 11 -3.42 -2.61 2.86
HD2 NLE C 11 -3.32 -1.75 4.92
HD3 NLE C 11 -2.04 -2.61 5.31
HE1 NLE C 11 -4.08 -3.32 6.33
HE2 NLE C 11 -3.27 -4.47 5.60
HE3 NLE C 11 -4.54 -3.81 4.89
N ILE C 12 0.43 -4.19 1.39
CA ILE C 12 0.85 -5.57 1.21
C ILE C 12 0.50 -6.37 2.47
N TYR C 13 -0.39 -7.36 2.33
CA TYR C 13 -0.94 -8.09 3.46
C TYR C 13 -1.17 -9.52 2.97
N LEU C 14 -0.54 -10.48 3.62
CA LEU C 14 -0.66 -11.87 3.21
C LEU C 14 -1.98 -12.45 3.70
N CYS C 15 -2.51 -13.41 2.91
CA CYS C 15 -3.80 -14.00 3.24
C CYS C 15 -3.93 -15.38 2.63
N ARG C 16 -4.82 -16.17 3.21
CA ARG C 16 -5.11 -17.50 2.73
C ARG C 16 -6.55 -17.64 2.26
N ARG C 17 -7.37 -16.62 2.46
CA ARG C 17 -8.80 -16.58 2.17
C ARG C 17 -9.24 -15.15 2.43
N ASP C 18 -10.41 -14.79 1.91
CA ASP C 18 -10.91 -13.43 2.04
C ASP C 18 -10.98 -12.98 3.50
N SER C 19 -11.42 -13.88 4.40
CA SER C 19 -11.65 -13.45 5.77
C SER C 19 -10.37 -13.10 6.50
N ASP C 20 -9.22 -13.49 5.98
CA ASP C 20 -7.97 -13.06 6.60
C ASP C 20 -7.70 -11.58 6.39
N CYS C 21 -8.26 -10.98 5.34
CA CYS C 21 -7.94 -9.62 4.95
C CYS C 21 -8.80 -8.62 5.71
N PRO C 22 -8.24 -7.46 6.04
CA PRO C 22 -9.05 -6.43 6.71
C PRO C 22 -10.14 -5.88 5.80
N GLY C 23 -11.10 -5.20 6.43
CA GLY C 23 -12.16 -4.53 5.71
C GLY C 23 -12.88 -5.46 4.76
N GLU C 24 -13.20 -4.93 3.58
CA GLU C 24 -13.85 -5.69 2.54
C GLU C 24 -12.89 -6.09 1.44
N CYS C 25 -11.60 -6.15 1.76
CA CYS C 25 -10.63 -6.67 0.80
C CYS C 25 -10.90 -8.14 0.53
N ILE C 26 -10.52 -8.59 -0.67
CA ILE C 26 -10.50 -10.00 -1.00
C ILE C 26 -9.07 -10.51 -1.01
N CYS C 27 -8.92 -11.83 -0.96
CA CYS C 27 -7.63 -12.47 -1.08
C CYS C 27 -7.45 -12.96 -2.51
N LEU C 28 -6.47 -12.41 -3.20
CA LEU C 28 -6.15 -12.82 -4.55
C LEU C 28 -5.67 -14.27 -4.56
N GLY C 29 -5.67 -14.88 -5.74
CA GLY C 29 -5.35 -16.29 -5.89
C GLY C 29 -3.96 -16.70 -5.46
N ASN C 30 -3.04 -15.73 -5.29
CA ASN C 30 -1.67 -15.97 -4.88
C ASN C 30 -1.39 -15.56 -3.43
N GLY C 31 -2.44 -15.25 -2.66
CA GLY C 31 -2.26 -15.05 -1.23
C GLY C 31 -1.94 -13.64 -0.79
N TYR C 32 -2.40 -12.64 -1.53
CA TYR C 32 -2.26 -11.24 -1.14
C TYR C 32 -3.64 -10.57 -1.18
N CYS C 33 -3.86 -9.67 -0.24
CA CYS C 33 -5.10 -8.93 -0.20
C CYS C 33 -5.14 -7.87 -1.30
N GLY C 34 -6.35 -7.65 -1.81
CA GLY C 34 -6.57 -6.61 -2.79
C GLY C 34 -8.00 -6.15 -2.74
N SER D 1 -19.68 -13.16 -14.25
CA SER D 1 -18.40 -13.54 -13.69
C SER D 1 -17.32 -12.59 -14.21
N GLY D 2 -16.34 -12.31 -13.36
CA GLY D 2 -15.20 -11.52 -13.74
C GLY D 2 -13.93 -12.31 -13.58
N PRO D 3 -12.80 -11.71 -13.90
CA PRO D 3 -11.51 -12.41 -13.82
C PRO D 3 -10.99 -12.54 -12.39
N ASN D 4 -11.85 -13.00 -11.49
CA ASN D 4 -11.47 -13.18 -10.09
C ASN D 4 -11.84 -14.57 -9.58
N GLY D 5 -11.36 -14.88 -8.38
CA GLY D 5 -11.76 -16.07 -7.69
C GLY D 5 -13.13 -15.88 -7.09
N GLY D 6 -13.35 -16.51 -5.96
CA GLY D 6 -14.61 -16.26 -5.30
C GLY D 6 -15.78 -16.85 -6.07
N VAL D 7 -16.97 -16.49 -5.62
CA VAL D 7 -18.18 -17.10 -6.10
C VAL D 7 -19.08 -16.03 -6.72
N CYS D 8 -19.64 -16.35 -7.87
CA CYS D 8 -20.56 -15.47 -8.59
C CYS D 8 -21.72 -16.31 -9.10
N PRO D 9 -22.91 -16.16 -8.56
CA PRO D 9 -24.03 -16.97 -9.04
C PRO D 9 -24.33 -16.67 -10.51
N VAL D 10 -24.77 -17.69 -11.22
CA VAL D 10 -25.17 -17.55 -12.62
C VAL D 10 -26.58 -17.03 -12.59
N NLE D 11 -26.83 -15.83 -13.09
CA NLE D 11 -28.16 -15.25 -12.94
C NLE D 11 -28.37 -14.07 -13.91
O NLE D 11 -27.41 -13.57 -14.50
CB NLE D 11 -28.34 -14.68 -11.52
CG NLE D 11 -27.42 -13.50 -11.22
CD NLE D 11 -27.58 -12.97 -9.78
CE NLE D 11 -26.32 -12.25 -9.29
H NLE D 11 -26.26 -15.35 -13.51
HA NLE D 11 -28.81 -15.94 -13.12
HB2 NLE D 11 -28.16 -15.39 -10.88
HB3 NLE D 11 -29.26 -14.37 -11.42
HG2 NLE D 11 -27.63 -12.77 -11.82
HG3 NLE D 11 -26.50 -13.78 -11.33
HD2 NLE D 11 -27.76 -13.71 -9.19
HD3 NLE D 11 -28.31 -12.33 -9.76
HE1 NLE D 11 -26.56 -11.63 -8.60
HE2 NLE D 11 -25.91 -11.79 -10.04
HE3 NLE D 11 -25.69 -12.92 -8.94
N ILE D 12 -29.62 -13.64 -14.06
CA ILE D 12 -29.98 -12.40 -14.75
C ILE D 12 -30.21 -11.37 -13.64
N TYR D 13 -29.34 -10.38 -13.52
CA TYR D 13 -29.40 -9.47 -12.39
C TYR D 13 -28.83 -8.13 -12.85
N LEU D 14 -29.61 -7.06 -12.72
CA LEU D 14 -29.18 -5.74 -13.16
C LEU D 14 -28.29 -5.05 -12.14
N CYS D 15 -27.41 -4.18 -12.63
CA CYS D 15 -26.43 -3.48 -11.78
C CYS D 15 -26.00 -2.19 -12.45
N ARG D 16 -25.47 -1.28 -11.65
CA ARG D 16 -24.90 -0.03 -12.15
C ARG D 16 -23.40 0.04 -11.91
N ARG D 17 -22.84 -0.92 -11.18
CA ARG D 17 -21.45 -0.94 -10.75
C ARG D 17 -21.25 -2.29 -10.08
N ASP D 18 -19.98 -2.67 -9.90
CA ASP D 18 -19.66 -3.98 -9.34
C ASP D 18 -20.35 -4.21 -8.01
N SER D 19 -20.41 -3.20 -7.16
CA SER D 19 -20.86 -3.42 -5.80
C SER D 19 -22.33 -3.78 -5.73
N ASP D 20 -23.10 -3.52 -6.79
CA ASP D 20 -24.50 -3.92 -6.85
C ASP D 20 -24.68 -5.42 -7.00
N CYS D 21 -23.69 -6.11 -7.51
CA CYS D 21 -23.79 -7.53 -7.79
C CYS D 21 -23.41 -8.33 -6.54
N PRO D 22 -24.11 -9.44 -6.29
CA PRO D 22 -23.73 -10.27 -5.15
C PRO D 22 -22.41 -10.98 -5.38
N GLY D 23 -21.89 -11.54 -4.30
CA GLY D 23 -20.65 -12.27 -4.36
C GLY D 23 -19.54 -11.46 -4.97
N GLU D 24 -18.72 -12.13 -5.78
CA GLU D 24 -17.61 -11.51 -6.48
C GLU D 24 -17.92 -11.29 -7.95
N CYS D 25 -19.19 -11.24 -8.31
CA CYS D 25 -19.54 -10.88 -9.67
C CYS D 25 -19.13 -9.45 -9.95
N ILE D 26 -18.84 -9.17 -11.22
CA ILE D 26 -18.65 -7.81 -11.68
C ILE D 26 -19.90 -7.36 -12.42
N CYS D 27 -20.00 -6.05 -12.65
CA CYS D 27 -21.07 -5.50 -13.48
C CYS D 27 -20.54 -5.25 -14.89
N LEU D 28 -21.12 -5.95 -15.86
CA LEU D 28 -20.75 -5.76 -17.26
C LEU D 28 -21.14 -4.36 -17.72
N GLY D 29 -20.56 -3.95 -18.84
CA GLY D 29 -20.67 -2.58 -19.32
C GLY D 29 -22.05 -2.15 -19.69
N ASN D 30 -22.98 -3.09 -19.84
CA ASN D 30 -24.37 -2.79 -20.16
C ASN D 30 -25.29 -3.00 -18.96
N GLY D 31 -24.75 -3.19 -17.77
CA GLY D 31 -25.63 -3.22 -16.63
C GLY D 31 -26.20 -4.57 -16.24
N TYR D 32 -25.50 -5.64 -16.51
CA TYR D 32 -25.85 -6.97 -15.99
C TYR D 32 -24.67 -7.60 -15.25
N CYS D 33 -24.97 -8.32 -14.18
CA CYS D 33 -23.93 -9.00 -13.42
C CYS D 33 -23.40 -10.21 -14.19
N GLY D 34 -22.11 -10.46 -14.05
CA GLY D 34 -21.47 -11.60 -14.68
C GLY D 34 -20.19 -11.98 -13.94
S SO4 E . 26.66 8.54 -5.46
O1 SO4 E . 27.62 8.45 -6.56
O2 SO4 E . 25.89 7.31 -5.35
O3 SO4 E . 27.40 8.72 -4.21
O4 SO4 E . 25.74 9.64 -5.72
S SO4 F . -6.51 -4.67 -6.47
O1 SO4 F . -6.81 -6.11 -6.50
O2 SO4 F . -7.61 -3.97 -7.12
O3 SO4 F . -6.34 -4.22 -5.10
O4 SO4 F . -5.28 -4.37 -7.20
#